data_8U1C
#
_entry.id   8U1C
#
_cell.length_a   1.00
_cell.length_b   1.00
_cell.length_c   1.00
_cell.angle_alpha   90.00
_cell.angle_beta   90.00
_cell.angle_gamma   90.00
#
_symmetry.space_group_name_H-M   'P 1'
#
loop_
_entity.id
_entity.type
_entity.pdbx_description
1 polymer 'mAb-400 heavy chain'
2 polymer 'mAb-400 light chain'
3 polymer Neuraminidase
4 branched 2-acetamido-2-deoxy-beta-D-glucopyranose-(1-4)-2-acetamido-2-deoxy-beta-D-glucopyranose
#
loop_
_entity_poly.entity_id
_entity_poly.type
_entity_poly.pdbx_seq_one_letter_code
_entity_poly.pdbx_strand_id
1 'polypeptide(L)'
;GLQLVQSGAELKKPGESLKISCQGSGYTFPIYWIGWVRQIPGKGLEWMGIIYPGDSDTRYSPSFEGQVTISADKSVTTAY
LQWSSLKASDTAMYYCARHSEPWYPDHRFWPPYPFDIWGQGTMVTVSS
;
H
2 'polypeptide(L)'
;EIVLTQSPGTLSLSPGERATLSCRSSQTVSSGYLAWYQQKRGQAPRLLIYGASSRATGIPDRFSGSGSGTDFTLTISRLE
PEDFAVYFCQHHGTSPGTFGGGTKVEIK
;
L
3 'polypeptide(L)'
;MLPSTIQTLTLFLTSGGVLLSLYVSASLSYLLYSDILLKFSPTEITAPTMPLDCANASNVQAVNRSATKGVTLLLPGPEW
TYPRLSCPGSTFQKALLISPHRFGETKGNSAPLIIREPFVACGPNECKHFALTHYAAQPGGYYNGTRGDRNKLRHLISVK
LGKIPTVENSIFHMAAWSGSACHDGKEWTYIGVDGPDNNALLKVKYGEAYTDTYHSYANNILRTQESACNCIGGNCYLMI
TDGSASGVSECRFLKIREGRIIKEIFPTGRVKHTEECTCGFASNKTIECACRDNRYTAKRPFVKLNVETDTAEIRLMCTD
TYLDTPRPNDGSITGPCESDGDKGSGGIKGGFVHQRMKSKIGRWYSRTMSKTERMGMGLYVKYGGDPWADSDALAFSGVM
VPMKEPGWYSFGFEIKDKKCDVPCIGIEMVHDGGKETWHSAATAIYCLMGSGQLLWDTVTGVDMAL
;
A
#
# COMPACT_ATOMS: atom_id res chain seq x y z
N GLY A 1 -1.65 3.12 25.46
CA GLY A 1 -2.25 4.43 25.49
C GLY A 1 -2.77 4.88 24.11
N LEU A 2 -3.60 4.02 23.47
CA LEU A 2 -4.23 4.25 22.16
C LEU A 2 -5.67 4.71 22.35
N GLN A 3 -5.97 5.91 21.87
CA GLN A 3 -7.30 6.46 22.12
C GLN A 3 -7.76 7.56 21.17
N LEU A 4 -9.07 7.69 21.06
CA LEU A 4 -9.70 8.85 20.42
C LEU A 4 -10.50 9.56 21.50
N VAL A 5 -10.21 10.83 21.72
CA VAL A 5 -10.86 11.57 22.79
C VAL A 5 -11.77 12.62 22.21
N GLN A 6 -13.05 12.54 22.54
CA GLN A 6 -14.00 13.48 21.97
C GLN A 6 -14.44 14.54 22.95
N SER A 7 -14.94 15.66 22.41
CA SER A 7 -15.49 16.68 23.30
C SER A 7 -16.75 16.11 23.95
N GLY A 8 -17.15 16.67 25.10
CA GLY A 8 -18.27 16.15 25.88
C GLY A 8 -19.65 16.23 25.24
N ALA A 9 -20.21 17.44 25.22
CA ALA A 9 -21.53 17.61 24.68
C ALA A 9 -21.74 19.04 24.27
N GLU A 10 -22.69 19.22 23.38
CA GLU A 10 -23.10 20.53 22.92
C GLU A 10 -24.62 20.62 22.86
N LEU A 11 -25.16 21.81 23.02
CA LEU A 11 -26.58 22.05 22.82
C LEU A 11 -26.68 23.35 22.06
N LYS A 12 -27.34 23.30 20.92
CA LYS A 12 -27.43 24.43 20.02
C LYS A 12 -28.84 24.84 19.65
N LYS A 13 -28.95 26.02 19.02
CA LYS A 13 -30.28 26.46 18.52
C LYS A 13 -30.34 26.18 17.02
N PRO A 14 -31.53 25.95 16.42
CA PRO A 14 -31.63 25.76 14.97
C PRO A 14 -30.96 26.93 14.22
N GLY A 15 -30.05 26.62 13.29
CA GLY A 15 -29.36 27.67 12.51
C GLY A 15 -28.01 28.03 13.11
N GLU A 16 -27.82 27.75 14.40
CA GLU A 16 -26.54 28.08 15.09
C GLU A 16 -25.44 27.12 14.60
N SER A 17 -24.33 27.65 14.07
CA SER A 17 -23.27 26.80 13.54
C SER A 17 -22.70 25.88 14.62
N LEU A 18 -21.99 24.82 14.21
CA LEU A 18 -21.40 23.89 15.19
C LEU A 18 -20.14 23.17 14.73
N LYS A 19 -19.14 23.12 15.60
CA LYS A 19 -17.94 22.33 15.33
C LYS A 19 -17.62 21.43 16.54
N ILE A 20 -17.44 20.13 16.29
CA ILE A 20 -17.05 19.22 17.36
C ILE A 20 -15.79 18.51 16.92
N SER A 21 -15.05 17.94 17.86
CA SER A 21 -13.78 17.34 17.49
C SER A 21 -13.39 16.09 18.29
N CYS A 22 -12.39 15.36 17.71
CA CYS A 22 -11.75 14.16 18.25
C CYS A 22 -10.24 14.34 18.24
N GLN A 23 -9.58 13.99 19.32
CA GLN A 23 -8.14 14.05 19.33
C GLN A 23 -7.58 12.67 19.39
N GLY A 24 -6.64 12.38 18.51
CA GLY A 24 -6.05 11.06 18.52
C GLY A 24 -4.76 11.02 19.30
N SER A 25 -4.48 9.87 19.88
CA SER A 25 -3.22 9.66 20.55
C SER A 25 -2.82 8.19 20.49
N GLY A 26 -1.52 7.93 20.55
CA GLY A 26 -1.01 6.56 20.58
C GLY A 26 -0.82 5.91 19.20
N TYR A 27 -1.01 6.68 18.13
CA TYR A 27 -0.86 6.14 16.80
C TYR A 27 -0.42 7.21 15.81
N THR A 28 0.08 6.77 14.68
CA THR A 28 0.54 7.69 13.66
C THR A 28 -0.65 8.26 12.91
N PHE A 29 -1.20 9.28 13.51
CA PHE A 29 -2.40 9.95 13.05
C PHE A 29 -2.52 10.24 11.54
N PRO A 30 -1.53 10.82 10.84
CA PRO A 30 -1.60 11.19 9.44
C PRO A 30 -1.73 10.03 8.47
N ILE A 31 -1.62 8.78 8.93
CA ILE A 31 -1.75 7.69 7.97
C ILE A 31 -2.97 6.81 8.22
N TYR A 32 -3.86 7.19 9.12
CA TYR A 32 -5.05 6.36 9.31
C TYR A 32 -6.28 7.18 8.99
N TRP A 33 -7.29 6.53 8.48
CA TRP A 33 -8.54 7.23 8.21
C TRP A 33 -9.40 7.26 9.45
N ILE A 34 -10.03 8.40 9.67
CA ILE A 34 -10.92 8.61 10.78
C ILE A 34 -12.30 8.86 10.28
N GLY A 35 -13.23 8.10 10.77
CA GLY A 35 -14.59 8.26 10.33
C GLY A 35 -15.49 8.79 11.36
N TRP A 36 -16.56 9.37 10.88
CA TRP A 36 -17.61 9.84 11.73
C TRP A 36 -18.80 8.95 11.54
N VAL A 37 -19.40 8.60 12.65
CA VAL A 37 -20.58 7.76 12.74
C VAL A 37 -21.67 8.46 13.56
N ARG A 38 -22.87 8.54 13.03
CA ARG A 38 -23.95 9.19 13.77
C ARG A 38 -24.86 8.19 14.42
N GLN A 39 -25.30 8.48 15.63
CA GLN A 39 -26.30 7.62 16.22
C GLN A 39 -27.39 8.35 16.95
N ILE A 40 -28.56 8.32 16.38
CA ILE A 40 -29.71 8.94 17.00
C ILE A 40 -29.99 7.97 18.11
N PRO A 41 -30.16 8.36 19.38
CA PRO A 41 -30.28 7.44 20.51
C PRO A 41 -31.19 6.22 20.35
N GLY A 42 -32.31 6.32 19.63
CA GLY A 42 -33.18 5.15 19.47
C GLY A 42 -32.93 4.36 18.17
N LYS A 43 -31.88 4.74 17.45
CA LYS A 43 -31.55 4.19 16.15
C LYS A 43 -30.19 3.50 16.12
N GLY A 44 -29.87 2.89 14.99
CA GLY A 44 -28.60 2.23 14.81
C GLY A 44 -27.54 3.23 14.38
N LEU A 45 -26.37 2.75 14.05
CA LEU A 45 -25.24 3.57 13.68
C LEU A 45 -25.34 3.96 12.21
N GLU A 46 -24.89 5.16 11.85
CA GLU A 46 -24.98 5.62 10.43
C GLU A 46 -23.66 6.24 9.97
N TRP A 47 -22.87 5.54 9.18
CA TRP A 47 -21.56 6.04 8.69
C TRP A 47 -21.76 7.35 7.95
N MET A 48 -21.10 8.42 8.39
CA MET A 48 -21.31 9.76 7.79
C MET A 48 -20.20 10.09 6.80
N GLY A 49 -19.01 9.57 7.03
CA GLY A 49 -17.87 9.81 6.15
C GLY A 49 -16.54 9.56 6.84
N ILE A 50 -15.48 9.61 6.04
CA ILE A 50 -14.10 9.41 6.50
C ILE A 50 -13.16 10.45 5.97
N ILE A 51 -12.11 10.71 6.74
CA ILE A 51 -11.04 11.61 6.33
C ILE A 51 -9.69 11.01 6.53
N TYR A 52 -8.77 11.33 5.65
CA TYR A 52 -7.39 10.92 5.77
C TYR A 52 -6.53 12.10 6.14
N PRO A 53 -6.27 12.35 7.43
CA PRO A 53 -5.51 13.45 7.86
C PRO A 53 -4.25 13.09 7.21
N GLY A 54 -3.50 14.02 6.75
CA GLY A 54 -2.27 13.70 6.06
C GLY A 54 -2.37 14.35 4.70
N ASP A 55 -3.57 14.41 4.12
CA ASP A 55 -3.74 15.19 2.91
C ASP A 55 -5.17 15.68 2.86
N SER A 56 -5.88 15.37 3.95
CA SER A 56 -7.28 15.74 4.19
C SER A 56 -8.19 15.28 3.06
N ASP A 57 -7.98 14.05 2.65
CA ASP A 57 -8.75 13.41 1.59
C ASP A 57 -10.05 12.93 2.21
N THR A 58 -11.20 13.35 1.72
CA THR A 58 -12.45 12.92 2.36
C THR A 58 -13.39 12.12 1.49
N ARG A 59 -14.24 11.35 2.14
CA ARG A 59 -15.31 10.60 1.49
C ARG A 59 -16.57 10.75 2.31
N TYR A 60 -17.69 11.02 1.67
CA TYR A 60 -18.93 11.18 2.42
C TYR A 60 -19.99 10.21 2.00
N SER A 61 -20.81 9.81 2.94
CA SER A 61 -21.96 9.00 2.61
C SER A 61 -22.78 9.91 1.75
N PRO A 62 -23.37 9.50 0.63
CA PRO A 62 -24.18 10.36 -0.21
C PRO A 62 -25.25 11.13 0.59
N SER A 63 -25.82 10.51 1.63
CA SER A 63 -26.85 11.13 2.43
C SER A 63 -26.37 12.29 3.31
N PHE A 64 -25.06 12.38 3.52
CA PHE A 64 -24.45 13.44 4.31
C PHE A 64 -23.63 14.37 3.43
N GLU A 65 -23.65 14.14 2.13
CA GLU A 65 -22.86 14.98 1.25
C GLU A 65 -23.53 16.31 1.20
N GLY A 66 -22.79 17.34 1.53
CA GLY A 66 -23.34 18.69 1.53
C GLY A 66 -24.12 18.98 2.80
N GLN A 67 -24.19 18.04 3.73
CA GLN A 67 -24.94 18.28 4.95
C GLN A 67 -23.95 18.62 6.03
N VAL A 68 -22.84 17.90 6.03
CA VAL A 68 -21.79 18.13 7.01
C VAL A 68 -20.46 18.24 6.32
N THR A 69 -19.53 18.83 7.03
CA THR A 69 -18.15 18.94 6.60
C THR A 69 -17.23 18.15 7.51
N ILE A 70 -16.37 17.36 6.91
CA ILE A 70 -15.39 16.61 7.66
C ILE A 70 -14.04 17.19 7.33
N SER A 71 -13.27 17.50 8.35
CA SER A 71 -11.97 18.10 8.18
C SER A 71 -11.04 17.62 9.27
N ALA A 72 -9.75 17.88 9.13
CA ALA A 72 -8.78 17.44 10.12
C ALA A 72 -7.57 18.35 10.10
N ASP A 73 -6.85 18.33 11.20
CA ASP A 73 -5.61 19.08 11.30
C ASP A 73 -4.57 18.26 12.02
N LYS A 74 -3.66 17.70 11.24
CA LYS A 74 -2.64 16.80 11.73
C LYS A 74 -1.69 17.51 12.69
N SER A 75 -1.65 18.84 12.64
CA SER A 75 -0.78 19.66 13.48
C SER A 75 -1.01 19.42 14.95
N VAL A 76 -2.27 19.21 15.32
CA VAL A 76 -2.66 19.03 16.71
C VAL A 76 -3.25 17.65 16.92
N THR A 77 -3.03 16.77 15.95
CA THR A 77 -3.55 15.42 15.96
C THR A 77 -5.08 15.34 16.17
N THR A 78 -5.85 16.17 15.44
CA THR A 78 -7.32 16.15 15.58
C THR A 78 -8.13 16.01 14.30
N ALA A 79 -9.37 15.56 14.48
CA ALA A 79 -10.37 15.44 13.43
C ALA A 79 -11.61 16.23 13.83
N TYR A 80 -12.29 16.81 12.85
CA TYR A 80 -13.47 17.64 13.10
C TYR A 80 -14.70 17.30 12.27
N LEU A 81 -15.84 17.56 12.87
CA LEU A 81 -17.13 17.47 12.18
C LEU A 81 -17.82 18.82 12.31
N GLN A 82 -18.17 19.39 11.18
CA GLN A 82 -18.79 20.70 11.20
C GLN A 82 -20.11 20.80 10.50
N TRP A 83 -20.92 21.67 11.05
CA TRP A 83 -22.18 22.05 10.47
C TRP A 83 -22.12 23.53 10.16
N SER A 84 -22.79 23.96 9.11
CA SER A 84 -22.91 25.41 8.85
C SER A 84 -24.30 25.86 9.34
N SER A 85 -25.32 25.06 9.07
CA SER A 85 -26.70 25.42 9.44
C SER A 85 -27.26 24.39 10.41
N LEU A 86 -26.71 24.31 11.61
CA LEU A 86 -27.21 23.20 12.45
C LEU A 86 -28.74 23.29 12.48
N LYS A 87 -29.42 22.29 11.93
CA LYS A 87 -30.88 22.23 12.03
C LYS A 87 -31.19 21.52 13.34
N ALA A 88 -32.37 20.95 13.47
CA ALA A 88 -32.68 20.09 14.62
C ALA A 88 -32.34 18.71 14.08
N SER A 89 -32.97 17.62 14.51
CA SER A 89 -32.64 16.30 13.86
C SER A 89 -31.17 15.92 14.05
N ASP A 90 -30.26 16.89 14.19
CA ASP A 90 -28.84 16.63 14.50
C ASP A 90 -28.76 16.31 15.99
N THR A 91 -29.87 15.92 16.59
CA THR A 91 -29.89 15.50 18.01
C THR A 91 -29.42 14.05 18.04
N ALA A 92 -28.12 13.82 17.93
CA ALA A 92 -27.53 12.49 17.86
C ALA A 92 -26.24 12.41 18.64
N MET A 93 -25.79 11.21 18.89
CA MET A 93 -24.46 11.01 19.42
C MET A 93 -23.54 10.93 18.22
N TYR A 94 -22.42 11.61 18.27
CA TYR A 94 -21.50 11.54 17.14
C TYR A 94 -20.20 10.91 17.56
N TYR A 95 -19.78 9.88 16.85
CA TYR A 95 -18.56 9.22 17.25
C TYR A 95 -17.51 9.33 16.17
N CYS A 96 -16.22 9.38 16.59
CA CYS A 96 -15.08 9.17 15.70
C CYS A 96 -14.63 7.77 15.87
N ALA A 97 -14.17 7.23 14.79
CA ALA A 97 -13.57 5.95 14.89
C ALA A 97 -12.45 5.82 13.89
N ARG A 98 -11.40 5.15 14.30
CA ARG A 98 -10.25 4.99 13.44
C ARG A 98 -10.20 3.59 12.84
N HIS A 99 -9.85 3.53 11.56
CA HIS A 99 -9.69 2.26 10.85
C HIS A 99 -8.58 1.44 11.41
N SER A 100 -8.78 0.13 11.38
CA SER A 100 -7.79 -0.80 11.91
C SER A 100 -6.42 -0.81 11.23
N GLU A 101 -6.34 -0.42 9.97
CA GLU A 101 -5.06 -0.46 9.27
C GLU A 101 -4.72 0.90 8.68
N PRO A 102 -3.43 1.23 8.51
CA PRO A 102 -2.93 2.42 7.88
C PRO A 102 -3.15 2.36 6.40
N TRP A 103 -3.13 3.50 5.78
CA TRP A 103 -3.29 3.60 4.35
C TRP A 103 -2.40 4.69 3.84
N TYR A 104 -1.87 4.51 2.65
CA TYR A 104 -1.06 5.52 2.03
C TYR A 104 -1.66 5.82 0.68
N PRO A 105 -1.56 7.04 0.14
CA PRO A 105 -2.10 7.43 -1.14
C PRO A 105 -1.80 6.51 -2.29
N ASP A 106 -0.61 5.90 -2.32
CA ASP A 106 -0.25 5.02 -3.41
C ASP A 106 -0.92 3.67 -3.34
N HIS A 107 -1.67 3.41 -2.28
CA HIS A 107 -2.41 2.17 -2.22
C HIS A 107 -3.50 2.24 -3.29
N ARG A 108 -3.97 3.46 -3.60
CA ARG A 108 -4.97 3.73 -4.64
C ARG A 108 -6.28 3.01 -4.52
N PHE A 109 -6.65 2.62 -3.31
CA PHE A 109 -7.95 1.94 -3.11
C PHE A 109 -8.69 2.62 -1.97
N TRP A 110 -10.00 2.38 -1.86
CA TRP A 110 -10.78 2.94 -0.74
C TRP A 110 -10.55 2.05 0.42
N PRO A 111 -10.15 2.54 1.61
CA PRO A 111 -9.80 1.67 2.73
C PRO A 111 -10.94 0.68 3.05
N PRO A 112 -10.77 -0.63 2.77
CA PRO A 112 -11.78 -1.60 3.13
C PRO A 112 -11.54 -2.03 4.58
N TYR A 113 -11.61 -1.10 5.52
CA TYR A 113 -11.27 -1.45 6.88
C TYR A 113 -12.41 -1.18 7.87
N PRO A 114 -12.52 -1.95 8.95
CA PRO A 114 -13.44 -1.81 10.02
C PRO A 114 -12.94 -0.72 10.92
N PHE A 115 -13.77 -0.25 11.83
CA PHE A 115 -13.32 0.70 12.81
C PHE A 115 -12.86 -0.01 14.07
N ASP A 116 -11.57 0.12 14.38
CA ASP A 116 -10.93 -0.56 15.49
C ASP A 116 -11.07 0.21 16.78
N ILE A 117 -10.82 1.52 16.73
CA ILE A 117 -10.93 2.26 17.97
C ILE A 117 -11.98 3.32 17.79
N TRP A 118 -12.78 3.51 18.83
CA TRP A 118 -13.85 4.47 18.84
C TRP A 118 -13.66 5.46 19.96
N GLY A 119 -14.11 6.69 19.76
CA GLY A 119 -14.06 7.66 20.83
C GLY A 119 -15.27 7.39 21.70
N GLN A 120 -15.45 8.14 22.78
CA GLN A 120 -16.58 7.86 23.66
C GLN A 120 -17.90 8.37 23.11
N GLY A 121 -17.82 9.28 22.15
CA GLY A 121 -18.96 9.92 21.53
C GLY A 121 -19.24 11.30 22.11
N THR A 122 -19.68 12.22 21.25
CA THR A 122 -20.02 13.57 21.65
C THR A 122 -21.51 13.71 21.52
N MET A 123 -22.18 14.08 22.58
CA MET A 123 -23.61 14.17 22.42
C MET A 123 -24.00 15.55 21.98
N VAL A 124 -24.74 15.64 20.88
CA VAL A 124 -25.16 16.94 20.44
C VAL A 124 -26.67 17.03 20.42
N THR A 125 -27.20 18.01 21.17
CA THR A 125 -28.64 18.24 21.24
C THR A 125 -28.97 19.36 20.24
N VAL A 126 -29.93 19.06 19.31
CA VAL A 126 -30.40 19.88 18.19
C VAL A 126 -29.30 19.75 17.13
N GLU B 1 -26.15 2.29 -1.90
CA GLU B 1 -26.25 1.19 -2.87
C GLU B 1 -26.35 -0.20 -2.22
N ILE B 2 -25.71 -0.39 -1.04
CA ILE B 2 -25.69 -1.63 -0.27
C ILE B 2 -26.51 -1.45 0.98
N VAL B 3 -27.47 -2.32 1.14
CA VAL B 3 -28.33 -2.26 2.30
C VAL B 3 -28.22 -3.51 3.12
N LEU B 4 -27.94 -3.33 4.39
CA LEU B 4 -27.82 -4.45 5.29
C LEU B 4 -29.03 -4.53 6.18
N THR B 5 -29.73 -5.65 6.12
CA THR B 5 -30.92 -5.82 6.90
C THR B 5 -30.64 -6.92 7.88
N GLN B 6 -30.27 -6.49 9.07
CA GLN B 6 -29.85 -7.33 10.13
C GLN B 6 -31.12 -7.84 10.81
N SER B 7 -31.14 -9.10 11.18
CA SER B 7 -32.34 -9.68 11.74
C SER B 7 -32.04 -10.84 12.72
N PRO B 8 -33.03 -11.32 13.50
CA PRO B 8 -34.46 -10.97 13.64
C PRO B 8 -34.72 -9.56 14.14
N GLY B 9 -33.72 -8.98 14.78
CA GLY B 9 -33.75 -7.63 15.34
C GLY B 9 -33.83 -7.69 16.86
N THR B 10 -34.36 -8.80 17.39
CA THR B 10 -34.38 -9.04 18.82
C THR B 10 -34.20 -10.53 19.13
N LEU B 11 -33.30 -10.85 20.03
CA LEU B 11 -33.16 -12.21 20.55
C LEU B 11 -33.57 -12.13 22.01
N SER B 12 -34.12 -13.21 22.56
CA SER B 12 -34.54 -13.27 23.96
C SER B 12 -34.01 -14.53 24.66
N LEU B 13 -32.75 -14.81 24.42
CA LEU B 13 -32.04 -15.98 24.89
C LEU B 13 -31.42 -15.82 26.27
N SER B 14 -31.37 -16.87 27.05
CA SER B 14 -30.74 -16.83 28.36
C SER B 14 -29.23 -17.03 28.27
N PRO B 15 -28.45 -16.62 29.27
CA PRO B 15 -27.05 -16.91 29.36
C PRO B 15 -26.91 -18.43 29.26
N GLY B 16 -25.89 -18.88 28.55
CA GLY B 16 -25.61 -20.28 28.31
C GLY B 16 -26.16 -20.76 26.97
N GLU B 17 -27.07 -19.98 26.35
CA GLU B 17 -27.61 -20.37 25.06
C GLU B 17 -26.75 -19.82 23.95
N ARG B 18 -26.83 -20.46 22.79
CA ARG B 18 -26.09 -19.99 21.64
C ARG B 18 -26.91 -18.96 20.90
N ALA B 19 -26.29 -17.84 20.56
CA ALA B 19 -27.01 -16.80 19.86
C ALA B 19 -26.57 -16.66 18.44
N THR B 20 -27.51 -16.73 17.52
CA THR B 20 -27.17 -16.54 16.13
C THR B 20 -27.84 -15.29 15.66
N LEU B 21 -27.06 -14.40 15.11
CA LEU B 21 -27.54 -13.14 14.61
C LEU B 21 -27.32 -13.16 13.12
N SER B 22 -28.26 -12.66 12.33
CA SER B 22 -28.06 -12.70 10.87
C SER B 22 -27.97 -11.31 10.27
N CYS B 23 -27.25 -11.18 9.12
CA CYS B 23 -27.13 -9.96 8.35
C CYS B 23 -27.22 -10.29 6.87
N ARG B 24 -28.35 -9.89 6.27
CA ARG B 24 -28.56 -10.16 4.87
C ARG B 24 -28.25 -8.93 4.07
N SER B 25 -27.36 -9.05 3.11
CA SER B 25 -27.02 -7.92 2.29
C SER B 25 -27.89 -7.93 1.03
N SER B 26 -28.32 -6.75 0.59
CA SER B 26 -29.14 -6.61 -0.63
C SER B 26 -28.40 -6.98 -1.91
N GLN B 27 -27.08 -6.99 -1.83
CA GLN B 27 -26.22 -7.37 -2.93
C GLN B 27 -24.99 -8.04 -2.36
N THR B 28 -24.28 -8.80 -3.18
CA THR B 28 -23.10 -9.53 -2.74
C THR B 28 -22.07 -8.63 -2.12
N VAL B 29 -21.55 -9.06 -0.97
CA VAL B 29 -20.53 -8.32 -0.27
C VAL B 29 -19.20 -8.80 -0.80
N SER B 30 -18.57 -7.97 -1.61
CA SER B 30 -17.34 -8.39 -2.23
C SER B 30 -16.32 -8.67 -1.20
N SER B 31 -15.61 -9.77 -1.42
CA SER B 31 -14.50 -10.23 -0.63
C SER B 31 -14.87 -10.56 0.81
N GLY B 32 -16.16 -10.58 1.12
CA GLY B 32 -16.59 -10.93 2.44
C GLY B 32 -16.36 -9.83 3.45
N TYR B 33 -16.27 -8.56 3.05
CA TYR B 33 -15.98 -7.53 4.05
C TYR B 33 -17.16 -7.11 4.92
N LEU B 34 -17.67 -8.02 5.75
CA LEU B 34 -18.77 -7.64 6.64
C LEU B 34 -18.31 -7.71 8.11
N ALA B 35 -18.27 -6.57 8.81
CA ALA B 35 -17.79 -6.51 10.19
C ALA B 35 -18.93 -6.59 11.14
N TRP B 36 -18.65 -6.99 12.37
CA TRP B 36 -19.65 -6.97 13.43
C TRP B 36 -19.15 -6.18 14.62
N TYR B 37 -20.06 -5.41 15.23
CA TYR B 37 -19.80 -4.58 16.38
C TYR B 37 -20.74 -4.85 17.54
N GLN B 38 -20.26 -4.69 18.75
CA GLN B 38 -21.05 -4.86 19.97
C GLN B 38 -21.28 -3.57 20.73
N GLN B 39 -22.52 -3.12 20.82
CA GLN B 39 -22.76 -1.87 21.52
C GLN B 39 -23.49 -2.05 22.83
N LYS B 40 -22.79 -1.78 23.92
CA LYS B 40 -23.36 -1.91 25.22
C LYS B 40 -24.08 -0.61 25.50
N ARG B 41 -25.07 -0.64 26.37
CA ARG B 41 -25.80 0.58 26.64
C ARG B 41 -24.90 1.65 27.22
N GLY B 42 -25.03 2.86 26.68
CA GLY B 42 -24.30 4.02 27.16
C GLY B 42 -22.89 4.19 26.60
N GLN B 43 -22.47 3.36 25.66
CA GLN B 43 -21.11 3.48 25.16
C GLN B 43 -20.90 3.22 23.68
N ALA B 44 -19.79 3.71 23.14
CA ALA B 44 -19.40 3.49 21.75
C ALA B 44 -19.22 2.00 21.54
N PRO B 45 -19.53 1.46 20.35
CA PRO B 45 -19.43 0.05 20.00
C PRO B 45 -18.02 -0.48 19.91
N ARG B 46 -17.87 -1.76 20.23
CA ARG B 46 -16.60 -2.47 20.09
C ARG B 46 -16.57 -3.33 18.84
N LEU B 47 -15.44 -3.38 18.14
CA LEU B 47 -15.32 -4.24 16.97
C LEU B 47 -15.11 -5.66 17.40
N LEU B 48 -15.92 -6.57 16.86
CA LEU B 48 -15.79 -7.97 17.21
C LEU B 48 -15.12 -8.75 16.10
N ILE B 49 -15.70 -8.57 14.92
CA ILE B 49 -15.34 -9.30 13.72
C ILE B 49 -15.05 -8.39 12.56
N TYR B 50 -14.05 -8.73 11.76
CA TYR B 50 -13.74 -7.97 10.57
C TYR B 50 -13.45 -8.93 9.42
N GLY B 51 -13.61 -8.48 8.20
CA GLY B 51 -13.49 -9.45 7.14
C GLY B 51 -14.77 -10.22 7.36
N ALA B 52 -14.99 -11.32 6.67
CA ALA B 52 -16.25 -12.03 6.95
C ALA B 52 -16.30 -12.62 8.35
N SER B 53 -15.15 -13.14 8.83
CA SER B 53 -15.10 -13.84 10.11
C SER B 53 -13.81 -13.70 10.93
N SER B 54 -12.92 -12.75 10.64
CA SER B 54 -11.70 -12.66 11.43
C SER B 54 -12.01 -12.04 12.77
N ARG B 55 -11.40 -12.54 13.83
CA ARG B 55 -11.67 -11.99 15.13
C ARG B 55 -10.76 -10.83 15.47
N ALA B 56 -11.34 -9.76 15.98
CA ALA B 56 -10.61 -8.56 16.37
C ALA B 56 -9.79 -8.81 17.62
N THR B 57 -8.67 -8.12 17.72
CA THR B 57 -7.81 -8.28 18.88
C THR B 57 -8.53 -7.91 20.15
N GLY B 58 -8.43 -8.78 21.17
CA GLY B 58 -9.06 -8.56 22.46
C GLY B 58 -10.44 -9.21 22.60
N ILE B 59 -10.94 -9.77 21.52
CA ILE B 59 -12.24 -10.39 21.50
C ILE B 59 -12.13 -11.88 21.84
N PRO B 60 -12.96 -12.39 22.77
CA PRO B 60 -12.97 -13.77 23.20
C PRO B 60 -13.47 -14.68 22.11
N ASP B 61 -13.13 -15.96 22.24
CA ASP B 61 -13.42 -17.06 21.33
C ASP B 61 -14.90 -17.37 21.19
N ARG B 62 -15.68 -16.76 22.06
CA ARG B 62 -17.11 -16.89 22.05
C ARG B 62 -17.66 -16.37 20.74
N PHE B 63 -16.99 -15.38 20.12
CA PHE B 63 -17.48 -14.80 18.88
C PHE B 63 -16.80 -15.37 17.63
N SER B 64 -17.59 -15.98 16.74
CA SER B 64 -17.08 -16.56 15.49
C SER B 64 -17.58 -15.78 14.28
N GLY B 65 -18.75 -16.13 13.78
CA GLY B 65 -19.35 -15.37 12.67
C GLY B 65 -19.01 -15.73 11.22
N SER B 66 -19.09 -17.01 10.86
CA SER B 66 -18.83 -17.39 9.47
C SER B 66 -19.90 -16.81 8.54
N GLY B 67 -19.55 -16.61 7.27
CA GLY B 67 -20.54 -16.16 6.28
C GLY B 67 -19.91 -15.86 4.94
N SER B 68 -20.75 -15.67 3.92
CA SER B 68 -20.27 -15.38 2.57
C SER B 68 -21.37 -14.80 1.68
N GLY B 69 -21.00 -14.28 0.52
CA GLY B 69 -22.02 -13.84 -0.41
C GLY B 69 -22.80 -12.70 0.18
N THR B 70 -24.10 -12.94 0.36
CA THR B 70 -25.02 -11.99 0.93
C THR B 70 -25.46 -12.41 2.31
N ASP B 71 -25.11 -13.65 2.70
CA ASP B 71 -25.64 -14.20 3.93
C ASP B 71 -24.60 -14.41 5.01
N PHE B 72 -24.62 -13.56 6.02
CA PHE B 72 -23.62 -13.65 7.07
C PHE B 72 -24.23 -13.74 8.43
N THR B 73 -23.56 -14.42 9.35
CA THR B 73 -24.06 -14.43 10.71
C THR B 73 -22.97 -14.10 11.69
N LEU B 74 -23.39 -13.82 12.90
CA LEU B 74 -22.51 -13.68 14.04
C LEU B 74 -22.97 -14.73 14.99
N THR B 75 -22.07 -15.56 15.45
CA THR B 75 -22.49 -16.56 16.38
C THR B 75 -21.75 -16.38 17.68
N ILE B 76 -22.53 -16.35 18.77
CA ILE B 76 -21.98 -16.23 20.09
C ILE B 76 -22.15 -17.64 20.63
N SER B 77 -21.05 -18.35 20.87
CA SER B 77 -21.19 -19.77 21.16
C SER B 77 -22.02 -20.06 22.41
N ARG B 78 -21.88 -19.19 23.41
CA ARG B 78 -22.60 -19.21 24.66
C ARG B 78 -22.79 -17.79 25.13
N LEU B 79 -23.99 -17.40 25.47
CA LEU B 79 -24.21 -16.07 26.00
C LEU B 79 -23.78 -15.97 27.45
N GLU B 80 -23.23 -14.83 27.80
CA GLU B 80 -22.86 -14.50 29.16
C GLU B 80 -23.49 -13.14 29.40
N PRO B 81 -23.80 -12.71 30.63
CA PRO B 81 -24.37 -11.40 30.93
C PRO B 81 -23.61 -10.25 30.25
N GLU B 82 -22.30 -10.44 30.10
CA GLU B 82 -21.39 -9.51 29.50
C GLU B 82 -21.73 -9.20 28.04
N ASP B 83 -22.30 -10.18 27.35
CA ASP B 83 -22.59 -10.07 25.94
C ASP B 83 -24.02 -9.73 25.58
N PHE B 84 -24.79 -9.23 26.53
CA PHE B 84 -26.11 -8.78 26.16
C PHE B 84 -25.95 -7.32 25.78
N ALA B 85 -26.04 -7.10 24.48
CA ALA B 85 -25.74 -5.85 23.80
C ALA B 85 -26.46 -5.78 22.47
N VAL B 86 -26.47 -4.60 21.85
CA VAL B 86 -27.02 -4.51 20.51
C VAL B 86 -25.89 -4.75 19.53
N TYR B 87 -26.07 -5.68 18.62
CA TYR B 87 -25.01 -5.97 17.69
C TYR B 87 -25.29 -5.35 16.36
N PHE B 88 -24.27 -4.88 15.70
CA PHE B 88 -24.42 -4.29 14.38
C PHE B 88 -23.53 -4.97 13.38
N CYS B 89 -23.99 -5.11 12.13
CA CYS B 89 -23.17 -5.57 11.02
C CYS B 89 -22.80 -4.34 10.18
N GLN B 90 -21.61 -4.37 9.56
CA GLN B 90 -21.15 -3.26 8.72
C GLN B 90 -20.45 -3.66 7.44
N HIS B 91 -20.80 -3.03 6.34
CA HIS B 91 -20.06 -3.29 5.11
C HIS B 91 -18.85 -2.40 5.19
N HIS B 92 -17.66 -2.98 5.02
CA HIS B 92 -16.44 -2.21 5.11
C HIS B 92 -15.56 -2.51 3.96
N GLY B 93 -16.14 -2.59 2.78
CA GLY B 93 -15.36 -2.88 1.61
C GLY B 93 -14.92 -1.59 0.98
N THR B 94 -14.47 -1.66 -0.26
CA THR B 94 -13.93 -0.44 -0.90
C THR B 94 -15.07 0.46 -1.37
N SER B 95 -16.03 0.72 -0.48
CA SER B 95 -17.20 1.59 -0.83
C SER B 95 -17.72 2.22 0.47
N PRO B 96 -18.52 3.31 0.42
CA PRO B 96 -18.95 3.98 1.64
C PRO B 96 -19.44 2.95 2.66
N GLY B 97 -18.79 2.89 3.83
CA GLY B 97 -19.20 1.96 4.89
C GLY B 97 -20.67 2.14 5.25
N THR B 98 -21.38 1.06 5.57
CA THR B 98 -22.81 1.19 5.83
C THR B 98 -23.19 0.16 6.88
N PHE B 99 -23.94 0.55 7.89
CA PHE B 99 -24.25 -0.40 8.98
C PHE B 99 -25.68 -0.90 8.84
N GLY B 100 -26.03 -1.99 9.53
CA GLY B 100 -27.40 -2.48 9.58
C GLY B 100 -28.16 -1.83 10.73
N GLY B 101 -29.46 -2.12 10.86
CA GLY B 101 -30.25 -1.50 11.94
C GLY B 101 -29.79 -1.87 13.33
N GLY B 102 -29.34 -3.10 13.47
CA GLY B 102 -28.86 -3.65 14.74
C GLY B 102 -29.83 -4.62 15.37
N THR B 103 -29.28 -5.62 16.05
CA THR B 103 -30.06 -6.65 16.74
C THR B 103 -29.81 -6.64 18.21
N LYS B 104 -30.88 -6.48 18.95
CA LYS B 104 -30.78 -6.42 20.39
C LYS B 104 -30.84 -7.78 21.01
N VAL B 105 -29.87 -8.11 21.83
CA VAL B 105 -29.95 -9.40 22.48
C VAL B 105 -30.36 -9.20 23.93
N GLU B 106 -31.54 -9.71 24.27
CA GLU B 106 -32.17 -9.63 25.58
C GLU B 106 -32.03 -10.99 26.26
N ILE B 107 -32.22 -11.05 27.61
CA ILE B 107 -32.19 -12.29 28.42
C ILE B 107 -33.32 -13.21 27.95
N PRO C 78 28.37 3.25 -28.01
CA PRO C 78 29.34 2.52 -28.82
C PRO C 78 29.13 1.00 -28.82
N GLU C 79 28.84 0.37 -27.66
CA GLU C 79 28.63 -1.08 -27.51
C GLU C 79 27.40 -1.34 -26.68
N TRP C 80 26.74 -2.46 -26.92
CA TRP C 80 25.59 -2.78 -26.13
C TRP C 80 26.01 -3.27 -24.76
N THR C 81 25.23 -2.93 -23.76
CA THR C 81 25.43 -3.41 -22.40
C THR C 81 24.86 -4.79 -22.20
N TYR C 82 25.63 -5.61 -21.47
CA TYR C 82 25.25 -6.94 -21.01
C TYR C 82 25.49 -6.89 -19.52
N PRO C 83 24.79 -7.65 -18.67
CA PRO C 83 25.04 -7.73 -17.25
C PRO C 83 26.37 -8.38 -17.05
N ARG C 84 27.12 -7.95 -16.04
CA ARG C 84 28.41 -8.54 -15.75
C ARG C 84 28.45 -9.12 -14.37
N LEU C 85 29.50 -9.87 -14.05
CA LEU C 85 29.58 -10.37 -12.69
C LEU C 85 29.75 -9.20 -11.78
N SER C 86 29.22 -9.34 -10.58
CA SER C 86 29.27 -8.30 -9.59
C SER C 86 30.64 -8.19 -8.95
N CYS C 87 30.94 -6.98 -8.47
CA CYS C 87 32.13 -6.60 -7.73
C CYS C 87 32.12 -7.32 -6.38
N PRO C 88 33.26 -7.81 -5.91
CA PRO C 88 33.37 -8.57 -4.69
C PRO C 88 33.01 -7.73 -3.51
N GLY C 89 32.42 -8.38 -2.53
CA GLY C 89 32.02 -7.81 -1.27
C GLY C 89 30.97 -8.71 -0.68
N SER C 90 30.72 -8.56 0.60
CA SER C 90 29.72 -9.39 1.24
C SER C 90 28.66 -8.58 1.94
N THR C 91 28.90 -7.29 2.12
CA THR C 91 27.87 -6.48 2.76
C THR C 91 27.69 -5.16 2.10
N PHE C 92 26.67 -4.46 2.55
CA PHE C 92 26.33 -3.13 2.06
C PHE C 92 26.69 -2.07 3.04
N GLN C 93 27.02 -0.89 2.54
CA GLN C 93 27.26 0.23 3.43
C GLN C 93 26.59 1.47 2.88
N LYS C 94 26.24 2.40 3.76
CA LYS C 94 25.66 3.65 3.29
C LYS C 94 26.63 4.27 2.35
N ALA C 95 26.15 4.65 1.20
CA ALA C 95 26.99 5.26 0.23
C ALA C 95 26.80 6.75 0.19
N LEU C 96 25.57 7.17 -0.08
CA LEU C 96 25.23 8.56 -0.36
C LEU C 96 23.82 8.97 0.04
N LEU C 97 23.63 10.13 0.64
CA LEU C 97 22.26 10.61 0.85
C LEU C 97 21.97 11.93 0.15
N ILE C 98 20.93 11.92 -0.67
CA ILE C 98 20.49 13.13 -1.33
C ILE C 98 19.25 13.61 -0.63
N SER C 99 19.37 14.74 0.05
CA SER C 99 18.29 15.26 0.86
C SER C 99 18.03 16.74 0.62
N PRO C 100 17.32 17.09 -0.46
CA PRO C 100 17.18 18.44 -0.97
C PRO C 100 16.48 19.43 -0.05
N HIS C 101 15.67 18.97 0.90
CA HIS C 101 14.94 19.87 1.74
C HIS C 101 15.70 20.39 2.96
N ARG C 102 16.89 19.87 3.24
CA ARG C 102 17.57 20.37 4.46
C ARG C 102 18.40 21.68 4.27
N PHE C 103 18.58 22.13 3.02
CA PHE C 103 19.40 23.27 2.57
C PHE C 103 18.60 24.57 2.62
N LEU C 113 12.17 21.50 -5.25
CA LEU C 113 11.42 20.65 -6.18
C LEU C 113 10.94 19.45 -5.37
N ILE C 114 9.62 19.18 -5.44
CA ILE C 114 8.94 18.13 -4.69
C ILE C 114 8.78 16.93 -5.56
N ILE C 115 9.50 15.88 -5.21
CA ILE C 115 9.54 14.67 -5.99
C ILE C 115 9.20 13.45 -5.19
N ARG C 116 8.74 12.43 -5.90
CA ARG C 116 8.41 11.12 -5.37
C ARG C 116 8.87 9.97 -6.24
N GLU C 117 8.98 8.83 -5.61
CA GLU C 117 9.27 7.59 -6.28
C GLU C 117 10.54 7.70 -7.13
N PRO C 118 11.68 8.01 -6.51
CA PRO C 118 12.94 8.15 -7.14
C PRO C 118 13.44 6.80 -7.49
N PHE C 119 14.31 6.75 -8.47
CA PHE C 119 15.02 5.55 -8.81
C PHE C 119 16.33 5.94 -9.43
N VAL C 120 17.25 5.01 -9.50
CA VAL C 120 18.51 5.30 -10.14
C VAL C 120 18.73 4.30 -11.22
N ALA C 121 19.25 4.78 -12.32
CA ALA C 121 19.59 3.95 -13.45
C ALA C 121 20.98 4.38 -13.86
N CYS C 122 21.86 3.45 -14.30
CA CYS C 122 23.24 3.80 -14.68
C CYS C 122 23.61 3.23 -16.04
N GLY C 123 24.33 4.05 -16.79
CA GLY C 123 24.93 3.70 -18.05
C GLY C 123 26.39 3.38 -17.74
N PRO C 124 27.22 3.07 -18.73
CA PRO C 124 28.62 2.71 -18.63
C PRO C 124 29.50 3.63 -17.81
N ASN C 125 29.20 4.93 -17.83
CA ASN C 125 29.99 5.89 -17.10
C ASN C 125 29.15 7.01 -16.50
N GLU C 126 27.86 6.74 -16.28
CA GLU C 126 26.97 7.80 -15.78
C GLU C 126 25.78 7.25 -15.03
N CYS C 127 25.48 7.76 -13.81
CA CYS C 127 24.28 7.38 -13.07
C CYS C 127 23.38 8.57 -12.99
N LYS C 128 22.12 8.31 -13.19
CA LYS C 128 21.11 9.33 -13.11
C LYS C 128 20.11 9.00 -12.06
N HIS C 129 19.70 10.05 -11.40
CA HIS C 129 18.73 9.98 -10.37
C HIS C 129 17.46 10.51 -10.94
N PHE C 130 16.50 9.62 -11.07
CA PHE C 130 15.24 9.92 -11.69
C PHE C 130 14.19 9.99 -10.65
N ALA C 131 13.19 10.80 -10.89
CA ALA C 131 12.06 10.86 -9.99
C ALA C 131 10.89 11.41 -10.71
N LEU C 132 9.71 11.27 -10.14
CA LEU C 132 8.58 11.91 -10.74
C LEU C 132 8.29 13.15 -9.96
N THR C 133 7.89 14.20 -10.61
CA THR C 133 7.56 15.36 -9.81
C THR C 133 6.24 15.04 -9.19
N HIS C 134 6.09 15.45 -7.95
CA HIS C 134 4.87 15.25 -7.21
C HIS C 134 4.12 16.56 -7.17
N TYR C 135 4.86 17.64 -7.01
CA TYR C 135 4.29 18.96 -6.97
C TYR C 135 5.40 19.90 -7.46
N ALA C 136 5.14 21.17 -7.55
CA ALA C 136 6.19 22.07 -8.02
C ALA C 136 6.95 22.69 -6.85
N ALA C 137 8.23 23.04 -7.06
CA ALA C 137 9.13 23.72 -6.12
C ALA C 137 8.45 24.97 -5.49
N ARG C 150 -0.93 11.16 -9.69
CA ARG C 150 -1.65 11.12 -10.96
C ARG C 150 -2.31 12.48 -11.17
N ASN C 151 -1.74 13.28 -12.08
CA ASN C 151 -2.16 14.64 -12.43
C ASN C 151 -1.69 14.89 -13.84
N LYS C 152 -1.97 16.06 -14.38
CA LYS C 152 -1.56 16.40 -15.74
C LYS C 152 -0.21 17.08 -15.77
N LEU C 153 0.28 17.43 -14.59
CA LEU C 153 1.53 18.13 -14.43
C LEU C 153 2.71 17.25 -13.98
N ARG C 154 2.46 16.01 -13.61
CA ARG C 154 3.57 15.21 -13.12
C ARG C 154 4.51 14.86 -14.25
N HIS C 155 5.81 14.99 -14.02
CA HIS C 155 6.83 14.69 -15.01
C HIS C 155 7.92 13.78 -14.55
N LEU C 156 8.50 13.08 -15.50
CA LEU C 156 9.67 12.28 -15.25
C LEU C 156 10.84 13.19 -15.45
N ILE C 157 11.62 13.32 -14.40
CA ILE C 157 12.77 14.20 -14.38
C ILE C 157 14.03 13.51 -13.93
N SER C 158 15.17 14.10 -14.26
CA SER C 158 16.41 13.56 -13.71
C SER C 158 17.55 14.52 -13.56
N VAL C 159 18.46 14.16 -12.66
CA VAL C 159 19.75 14.81 -12.45
C VAL C 159 20.86 13.80 -12.36
N LYS C 160 22.09 14.23 -12.53
CA LYS C 160 23.20 13.32 -12.34
C LYS C 160 23.18 12.85 -10.90
N LEU C 161 23.41 11.58 -10.65
CA LEU C 161 23.42 11.13 -9.28
C LEU C 161 24.54 11.87 -8.58
N GLY C 162 24.23 12.43 -7.41
CA GLY C 162 25.17 13.22 -6.63
C GLY C 162 24.73 14.68 -6.64
N LYS C 163 23.84 15.03 -7.54
CA LYS C 163 23.32 16.36 -7.59
C LYS C 163 22.07 16.45 -6.75
N ILE C 164 21.80 17.63 -6.25
CA ILE C 164 20.57 17.86 -5.55
C ILE C 164 19.55 18.18 -6.64
N PRO C 165 18.40 17.51 -6.70
CA PRO C 165 17.39 17.66 -7.73
C PRO C 165 16.59 18.93 -7.62
N THR C 166 17.25 20.04 -7.91
CA THR C 166 16.64 21.36 -7.90
C THR C 166 15.99 21.57 -9.25
N VAL C 167 15.21 22.63 -9.39
CA VAL C 167 14.56 22.94 -10.67
C VAL C 167 15.56 23.29 -11.73
N GLU C 168 16.56 24.07 -11.35
CA GLU C 168 17.57 24.49 -12.29
C GLU C 168 18.41 23.33 -12.82
N ASN C 169 18.73 22.36 -11.95
CA ASN C 169 19.52 21.19 -12.33
C ASN C 169 18.75 20.10 -13.07
N SER C 170 17.48 19.94 -12.75
CA SER C 170 16.66 18.88 -13.35
C SER C 170 16.34 19.04 -14.82
N ILE C 171 16.24 17.91 -15.49
CA ILE C 171 15.78 17.81 -16.87
C ILE C 171 14.47 17.12 -16.90
N PHE C 172 13.49 17.72 -17.57
CA PHE C 172 12.16 17.16 -17.69
C PHE C 172 12.11 16.35 -18.98
N HIS C 173 11.97 15.04 -18.83
CA HIS C 173 12.04 14.15 -19.98
C HIS C 173 10.72 13.97 -20.65
N MET C 174 9.69 13.87 -19.84
CA MET C 174 8.37 13.70 -20.40
C MET C 174 7.30 13.80 -19.37
N ALA C 175 6.10 14.09 -19.82
CA ALA C 175 4.97 14.07 -18.91
C ALA C 175 4.78 12.63 -18.47
N ALA C 176 4.63 12.40 -17.17
CA ALA C 176 4.46 11.05 -16.69
C ALA C 176 4.04 10.98 -15.25
N TRP C 177 2.98 10.25 -14.97
CA TRP C 177 2.61 10.01 -13.59
C TRP C 177 3.16 8.72 -13.05
N SER C 178 3.77 7.94 -13.93
CA SER C 178 4.42 6.66 -13.63
C SER C 178 5.56 6.48 -14.59
N GLY C 179 6.69 5.93 -14.16
CA GLY C 179 7.73 5.75 -15.18
C GLY C 179 9.00 5.02 -14.73
N SER C 180 9.91 4.85 -15.68
CA SER C 180 11.18 4.14 -15.50
C SER C 180 12.18 4.62 -16.53
N ALA C 181 13.43 4.26 -16.37
CA ALA C 181 14.43 4.59 -17.36
C ALA C 181 15.57 3.60 -17.27
N CYS C 182 16.33 3.43 -18.37
CA CYS C 182 17.52 2.57 -18.44
C CYS C 182 18.42 2.95 -19.59
N HIS C 183 19.62 2.41 -19.59
CA HIS C 183 20.56 2.71 -20.64
C HIS C 183 20.95 1.41 -21.28
N ASP C 184 20.96 1.38 -22.60
CA ASP C 184 21.27 0.14 -23.29
C ASP C 184 22.71 -0.06 -23.70
N GLY C 185 23.59 0.84 -23.30
CA GLY C 185 24.99 0.84 -23.65
C GLY C 185 25.30 1.85 -24.73
N LYS C 186 24.27 2.30 -25.46
CA LYS C 186 24.48 3.29 -26.48
C LYS C 186 23.70 4.57 -26.20
N GLU C 187 22.48 4.44 -25.70
CA GLU C 187 21.63 5.60 -25.45
C GLU C 187 20.59 5.38 -24.35
N TRP C 188 20.12 6.47 -23.74
CA TRP C 188 19.10 6.38 -22.71
C TRP C 188 17.69 6.18 -23.22
N THR C 189 16.98 5.29 -22.57
CA THR C 189 15.59 5.02 -22.86
C THR C 189 14.79 5.52 -21.67
N TYR C 190 13.77 6.31 -21.92
CA TYR C 190 12.97 6.83 -20.83
C TYR C 190 11.56 6.36 -21.07
N ILE C 191 10.91 5.92 -20.03
CA ILE C 191 9.56 5.41 -20.11
C ILE C 191 8.61 6.16 -19.21
N GLY C 192 7.46 6.55 -19.71
CA GLY C 192 6.53 7.18 -18.81
C GLY C 192 5.09 6.94 -19.19
N VAL C 193 4.21 6.99 -18.22
CA VAL C 193 2.80 6.81 -18.44
C VAL C 193 2.06 8.05 -18.06
N ASP C 194 1.19 8.46 -18.95
CA ASP C 194 0.34 9.62 -18.74
C ASP C 194 -1.05 9.36 -19.29
N GLY C 195 -1.94 10.31 -19.14
CA GLY C 195 -3.29 10.18 -19.61
C GLY C 195 -4.24 9.78 -18.50
N PRO C 196 -5.52 9.55 -18.83
CA PRO C 196 -6.63 9.22 -17.95
C PRO C 196 -6.43 7.94 -17.19
N ASP C 197 -7.02 7.87 -16.01
CA ASP C 197 -6.89 6.67 -15.19
C ASP C 197 -7.41 5.43 -15.90
N ASN C 198 -8.45 5.55 -16.71
CA ASN C 198 -9.00 4.40 -17.37
C ASN C 198 -8.65 4.30 -18.83
N ASN C 199 -7.68 5.08 -19.28
CA ASN C 199 -7.27 5.05 -20.66
C ASN C 199 -5.89 5.64 -20.77
N ALA C 200 -5.00 5.15 -19.94
CA ALA C 200 -3.64 5.63 -19.87
C ALA C 200 -2.81 5.11 -21.01
N LEU C 201 -1.74 5.82 -21.30
CA LEU C 201 -0.81 5.44 -22.33
C LEU C 201 0.65 5.56 -21.92
N LEU C 202 1.44 4.56 -22.30
CA LEU C 202 2.86 4.51 -22.07
C LEU C 202 3.53 5.19 -23.21
N LYS C 203 4.54 5.97 -22.94
CA LYS C 203 5.32 6.61 -23.96
C LYS C 203 6.78 6.22 -23.80
N VAL C 204 7.45 6.00 -24.91
CA VAL C 204 8.84 5.66 -24.88
C VAL C 204 9.64 6.72 -25.57
N LYS C 205 10.67 7.21 -24.91
CA LYS C 205 11.59 8.19 -25.45
C LYS C 205 12.96 7.58 -25.58
N TYR C 206 13.61 7.77 -26.69
CA TYR C 206 14.93 7.23 -26.87
C TYR C 206 15.86 8.36 -27.25
N GLY C 207 16.82 8.61 -26.41
CA GLY C 207 17.67 9.75 -26.65
C GLY C 207 16.80 10.97 -26.55
N GLU C 208 16.77 11.79 -27.58
CA GLU C 208 15.96 12.99 -27.54
C GLU C 208 14.58 12.83 -28.16
N ALA C 209 14.30 11.67 -28.76
CA ALA C 209 13.06 11.52 -29.52
C ALA C 209 12.02 10.64 -28.92
N TYR C 210 10.78 10.97 -29.20
CA TYR C 210 9.70 10.12 -28.76
C TYR C 210 9.50 9.08 -29.83
N THR C 211 9.34 7.83 -29.43
CA THR C 211 9.22 6.72 -30.36
C THR C 211 7.89 6.00 -30.21
N ASP C 212 7.89 4.79 -29.66
CA ASP C 212 6.64 4.05 -29.48
C ASP C 212 5.81 4.40 -28.27
N THR C 213 4.55 3.99 -28.35
CA THR C 213 3.63 4.09 -27.23
C THR C 213 2.98 2.75 -27.02
N TYR C 214 2.35 2.60 -25.88
CA TYR C 214 1.62 1.38 -25.58
C TYR C 214 0.31 1.78 -24.91
N HIS C 215 -0.79 1.18 -25.33
CA HIS C 215 -2.09 1.50 -24.78
C HIS C 215 -2.52 0.60 -23.65
N SER C 216 -3.30 1.16 -22.73
CA SER C 216 -3.88 0.39 -21.64
C SER C 216 -4.65 -0.78 -22.18
N TYR C 217 -4.57 -1.88 -21.44
CA TYR C 217 -5.21 -3.12 -21.85
C TYR C 217 -6.30 -3.62 -20.94
N ALA C 218 -6.36 -3.10 -19.72
CA ALA C 218 -7.38 -3.52 -18.77
C ALA C 218 -8.24 -2.33 -18.43
N ASN C 219 -8.00 -1.25 -19.15
CA ASN C 219 -8.69 0.02 -19.01
C ASN C 219 -8.73 0.50 -17.57
N ASN C 220 -7.60 0.42 -16.90
CA ASN C 220 -7.47 0.83 -15.53
C ASN C 220 -6.12 1.47 -15.49
N ILE C 221 -5.70 1.93 -14.35
CA ILE C 221 -4.50 2.70 -14.37
C ILE C 221 -3.34 1.85 -14.84
N LEU C 222 -2.70 2.27 -15.94
CA LEU C 222 -1.56 1.59 -16.52
C LEU C 222 -0.39 2.05 -15.72
N ARG C 223 0.45 1.13 -15.29
CA ARG C 223 1.56 1.49 -14.45
C ARG C 223 2.81 0.83 -14.95
N THR C 224 3.95 1.42 -14.66
CA THR C 224 5.19 0.74 -14.99
C THR C 224 5.87 0.41 -13.72
N GLN C 225 6.87 -0.42 -13.81
CA GLN C 225 7.75 -0.58 -12.68
C GLN C 225 8.24 0.81 -12.41
N GLU C 226 8.37 1.24 -11.16
CA GLU C 226 8.86 2.61 -10.92
C GLU C 226 10.39 2.62 -10.78
N SER C 227 10.99 1.45 -10.93
CA SER C 227 12.42 1.20 -10.86
C SER C 227 13.00 1.22 -12.25
N ALA C 228 14.31 1.23 -12.34
CA ALA C 228 14.99 1.20 -13.63
C ALA C 228 14.70 -0.08 -14.43
N CYS C 229 14.67 0.05 -15.77
CA CYS C 229 14.48 -1.07 -16.73
C CYS C 229 15.81 -1.81 -17.00
N ASN C 230 15.70 -3.02 -17.56
CA ASN C 230 16.88 -3.87 -17.76
C ASN C 230 17.22 -4.23 -19.20
N CYS C 231 18.39 -3.76 -19.70
CA CYS C 231 18.83 -3.93 -21.09
C CYS C 231 19.92 -4.98 -21.22
N ILE C 232 19.72 -5.89 -22.15
CA ILE C 232 20.74 -6.87 -22.49
C ILE C 232 20.92 -6.94 -24.00
N GLY C 233 22.05 -6.51 -24.48
CA GLY C 233 22.31 -6.61 -25.90
C GLY C 233 21.45 -5.66 -26.71
N GLY C 234 20.98 -4.60 -26.08
CA GLY C 234 20.11 -3.64 -26.72
C GLY C 234 18.64 -3.89 -26.49
N ASN C 235 18.28 -5.07 -25.98
CA ASN C 235 16.89 -5.38 -25.73
C ASN C 235 16.53 -5.05 -24.27
N CYS C 236 15.68 -4.03 -24.06
CA CYS C 236 15.31 -3.52 -22.75
C CYS C 236 13.99 -4.10 -22.32
N TYR C 237 13.98 -4.72 -21.16
CA TYR C 237 12.79 -5.35 -20.66
C TYR C 237 12.14 -4.53 -19.56
N LEU C 238 10.93 -4.09 -19.87
CA LEU C 238 10.14 -3.25 -19.02
C LEU C 238 8.91 -3.93 -18.48
N MET C 239 8.71 -3.91 -17.17
CA MET C 239 7.48 -4.48 -16.66
C MET C 239 6.39 -3.43 -16.66
N ILE C 240 5.21 -3.77 -17.18
CA ILE C 240 4.06 -2.87 -17.10
C ILE C 240 2.88 -3.64 -16.51
N THR C 241 1.93 -2.94 -15.95
CA THR C 241 0.75 -3.61 -15.41
C THR C 241 -0.48 -2.77 -15.60
N ASP C 242 -1.63 -3.39 -15.69
CA ASP C 242 -2.87 -2.63 -15.89
C ASP C 242 -4.03 -3.34 -15.26
N GLY C 243 -4.59 -2.71 -14.25
CA GLY C 243 -5.68 -3.33 -13.55
C GLY C 243 -6.01 -2.59 -12.29
N SER C 244 -6.86 -3.20 -11.49
CA SER C 244 -7.34 -2.57 -10.27
C SER C 244 -6.31 -2.47 -9.16
N ALA C 245 -6.41 -1.40 -8.39
CA ALA C 245 -5.61 -1.22 -7.18
C ALA C 245 -5.99 -2.28 -6.17
N SER C 246 -7.25 -2.69 -6.23
CA SER C 246 -7.84 -3.68 -5.38
C SER C 246 -8.66 -4.59 -6.26
N GLY C 247 -8.13 -5.76 -6.56
CA GLY C 247 -8.76 -6.65 -7.50
C GLY C 247 -7.68 -7.21 -8.38
N VAL C 248 -8.03 -7.72 -9.55
CA VAL C 248 -7.04 -8.30 -10.44
C VAL C 248 -6.30 -7.27 -11.28
N SER C 249 -4.98 -7.43 -11.33
CA SER C 249 -4.09 -6.58 -12.11
C SER C 249 -2.95 -7.36 -12.70
N GLU C 250 -3.18 -7.95 -13.87
CA GLU C 250 -2.17 -8.78 -14.50
C GLU C 250 -1.12 -7.90 -15.14
N CYS C 251 0.14 -8.38 -15.09
CA CYS C 251 1.26 -7.66 -15.70
C CYS C 251 1.71 -8.34 -16.95
N ARG C 252 2.46 -7.60 -17.73
CA ARG C 252 3.12 -8.09 -18.92
C ARG C 252 4.44 -7.36 -19.08
N PHE C 253 5.33 -7.94 -19.87
CA PHE C 253 6.61 -7.30 -20.10
C PHE C 253 6.76 -6.83 -21.52
N LEU C 254 7.39 -5.70 -21.68
CA LEU C 254 7.63 -5.22 -23.02
C LEU C 254 9.09 -5.28 -23.35
N LYS C 255 9.38 -5.81 -24.52
CA LYS C 255 10.73 -5.86 -25.01
C LYS C 255 10.90 -4.66 -25.92
N ILE C 256 11.73 -3.74 -25.50
CA ILE C 256 11.95 -2.49 -26.20
C ILE C 256 13.34 -2.41 -26.81
N ARG C 257 13.40 -2.13 -28.10
CA ARG C 257 14.67 -2.06 -28.80
C ARG C 257 14.80 -0.76 -29.53
N GLU C 258 15.77 0.05 -29.13
CA GLU C 258 16.02 1.36 -29.73
C GLU C 258 14.76 2.21 -29.74
N GLY C 259 14.04 2.16 -28.64
CA GLY C 259 12.82 2.94 -28.44
C GLY C 259 11.53 2.31 -28.99
N ARG C 260 11.64 1.18 -29.67
CA ARG C 260 10.45 0.57 -30.24
C ARG C 260 10.02 -0.63 -29.45
N ILE C 261 8.73 -0.88 -29.39
CA ILE C 261 8.28 -2.05 -28.67
C ILE C 261 8.19 -3.15 -29.70
N ILE C 262 9.03 -4.15 -29.52
CA ILE C 262 9.11 -5.23 -30.48
C ILE C 262 8.36 -6.46 -30.03
N LYS C 263 8.32 -6.73 -28.73
CA LYS C 263 7.58 -7.90 -28.28
C LYS C 263 6.81 -7.70 -26.99
N GLU C 264 5.63 -8.32 -26.92
CA GLU C 264 4.81 -8.35 -25.72
C GLU C 264 4.92 -9.72 -25.09
N ILE C 265 5.39 -9.77 -23.87
CA ILE C 265 5.60 -11.01 -23.14
C ILE C 265 4.53 -11.16 -22.10
N PHE C 266 3.82 -12.27 -22.12
CA PHE C 266 2.68 -12.51 -21.23
C PHE C 266 2.98 -13.61 -20.22
N PRO C 267 3.36 -13.29 -18.98
CA PRO C 267 3.75 -14.23 -17.97
C PRO C 267 2.65 -15.17 -17.61
N THR C 268 3.05 -16.37 -17.24
CA THR C 268 2.15 -17.40 -16.76
C THR C 268 2.35 -17.58 -15.29
N GLY C 269 1.69 -18.56 -14.72
CA GLY C 269 1.77 -18.80 -13.29
C GLY C 269 0.69 -18.07 -12.51
N ARG C 270 1.09 -17.46 -11.41
CA ARG C 270 0.21 -16.78 -10.49
C ARG C 270 0.27 -15.32 -10.82
N VAL C 271 -0.70 -14.87 -11.59
CA VAL C 271 -0.64 -13.54 -12.13
C VAL C 271 -1.77 -12.61 -11.70
N LYS C 272 -2.56 -13.00 -10.71
CA LYS C 272 -3.71 -12.19 -10.34
C LYS C 272 -3.39 -10.75 -9.94
N HIS C 273 -2.24 -10.45 -9.36
CA HIS C 273 -1.97 -9.06 -9.08
C HIS C 273 -0.49 -8.87 -8.96
N THR C 274 0.07 -8.16 -9.92
CA THR C 274 1.49 -7.89 -9.96
C THR C 274 1.76 -6.44 -10.35
N GLU C 275 2.56 -5.73 -9.58
CA GLU C 275 2.89 -4.36 -9.93
C GLU C 275 4.17 -3.86 -9.32
N GLU C 276 4.66 -2.73 -9.80
CA GLU C 276 5.82 -2.08 -9.19
C GLU C 276 6.97 -3.02 -8.91
N CYS C 277 7.41 -3.76 -9.94
CA CYS C 277 8.43 -4.79 -9.91
C CYS C 277 9.83 -4.22 -9.92
N THR C 278 10.66 -4.69 -8.99
CA THR C 278 12.04 -4.28 -8.98
C THR C 278 12.75 -5.45 -9.65
N CYS C 279 13.33 -5.22 -10.83
CA CYS C 279 13.89 -6.23 -11.72
C CYS C 279 15.39 -6.09 -11.88
N GLY C 280 16.04 -7.22 -12.13
CA GLY C 280 17.46 -7.19 -12.45
C GLY C 280 17.93 -8.51 -13.02
N PHE C 281 19.16 -8.55 -13.49
CA PHE C 281 19.63 -9.80 -14.08
C PHE C 281 20.20 -10.76 -13.08
N ALA C 282 19.69 -11.96 -13.14
CA ALA C 282 20.21 -13.00 -12.28
C ALA C 282 21.40 -13.60 -12.97
N SER C 283 21.30 -13.63 -14.28
CA SER C 283 22.33 -14.17 -15.16
C SER C 283 22.05 -13.58 -16.53
N ASN C 284 22.91 -13.83 -17.52
CA ASN C 284 22.75 -13.38 -18.93
C ASN C 284 21.43 -13.87 -19.57
N LYS C 285 20.80 -14.94 -19.02
CA LYS C 285 19.59 -15.56 -19.53
C LYS C 285 18.35 -15.16 -18.75
N THR C 286 18.49 -14.63 -17.54
CA THR C 286 17.30 -14.40 -16.73
C THR C 286 17.23 -13.06 -16.03
N ILE C 287 16.06 -12.48 -16.10
CA ILE C 287 15.71 -11.29 -15.35
C ILE C 287 14.75 -11.69 -14.27
N GLU C 288 15.07 -11.39 -13.04
CA GLU C 288 14.19 -11.79 -11.97
C GLU C 288 13.64 -10.53 -11.34
N CYS C 289 12.37 -10.54 -10.88
CA CYS C 289 11.76 -9.36 -10.28
C CYS C 289 11.05 -9.63 -8.97
N ALA C 290 11.26 -8.77 -8.00
CA ALA C 290 10.53 -8.84 -6.72
C ALA C 290 9.44 -7.77 -6.79
N CYS C 291 8.17 -8.20 -6.94
CA CYS C 291 6.99 -7.35 -7.21
C CYS C 291 6.10 -7.07 -6.01
N ARG C 292 5.25 -6.08 -6.17
CA ARG C 292 4.24 -5.72 -5.20
C ARG C 292 2.93 -6.43 -5.53
N ASP C 293 2.21 -6.79 -4.49
CA ASP C 293 0.86 -7.34 -4.60
C ASP C 293 0.06 -6.49 -3.67
N ASN C 294 -0.79 -5.67 -4.24
CA ASN C 294 -1.45 -4.65 -3.45
C ASN C 294 -2.80 -5.07 -2.93
N ARG C 295 -3.14 -6.36 -3.05
CA ARG C 295 -4.43 -6.75 -2.56
C ARG C 295 -4.50 -8.14 -1.94
N TYR C 296 -3.82 -9.13 -2.50
CA TYR C 296 -4.06 -10.48 -2.06
C TYR C 296 -3.10 -11.03 -1.02
N THR C 297 -1.87 -10.57 -0.98
CA THR C 297 -0.89 -11.17 -0.06
C THR C 297 0.29 -10.28 0.28
N ALA C 298 0.94 -10.57 1.41
CA ALA C 298 2.17 -9.87 1.84
C ALA C 298 3.44 -10.49 1.24
N LYS C 299 3.28 -11.59 0.51
CA LYS C 299 4.38 -12.24 -0.17
C LYS C 299 4.55 -11.65 -1.55
N ARG C 300 5.75 -11.25 -1.89
CA ARG C 300 5.93 -10.64 -3.19
C ARG C 300 5.89 -11.67 -4.29
N PRO C 301 5.21 -11.41 -5.42
CA PRO C 301 5.30 -12.20 -6.62
C PRO C 301 6.73 -12.12 -7.03
N PHE C 302 7.28 -13.21 -7.49
CA PHE C 302 8.64 -13.21 -7.94
C PHE C 302 8.61 -13.67 -9.37
N VAL C 303 9.04 -12.80 -10.26
CA VAL C 303 8.96 -13.07 -11.68
C VAL C 303 10.26 -13.61 -12.20
N LYS C 304 10.22 -14.68 -12.98
CA LYS C 304 11.44 -15.14 -13.63
C LYS C 304 11.26 -15.08 -15.14
N LEU C 305 11.90 -14.09 -15.74
CA LEU C 305 11.83 -13.80 -17.17
C LEU C 305 13.03 -14.32 -17.93
N ASN C 306 12.77 -15.19 -18.87
CA ASN C 306 13.81 -15.80 -19.68
C ASN C 306 14.06 -14.92 -20.89
N VAL C 307 15.24 -14.34 -20.98
CA VAL C 307 15.49 -13.36 -22.03
C VAL C 307 16.07 -13.99 -23.28
N GLU C 308 16.23 -15.31 -23.29
CA GLU C 308 16.64 -15.98 -24.51
C GLU C 308 15.40 -16.44 -25.24
N THR C 309 14.35 -16.77 -24.48
CA THR C 309 13.11 -17.27 -25.06
C THR C 309 11.97 -16.26 -25.01
N ASP C 310 12.12 -15.17 -24.24
CA ASP C 310 11.10 -14.16 -24.00
C ASP C 310 9.83 -14.70 -23.41
N THR C 311 10.01 -15.49 -22.35
CA THR C 311 8.90 -16.09 -21.63
C THR C 311 9.00 -15.74 -20.17
N ALA C 312 7.90 -15.82 -19.45
CA ALA C 312 7.97 -15.50 -18.03
C ALA C 312 6.97 -16.29 -17.24
N GLU C 313 7.31 -16.52 -16.00
CA GLU C 313 6.46 -17.20 -15.04
C GLU C 313 6.51 -16.51 -13.70
N ILE C 314 5.38 -16.35 -13.06
CA ILE C 314 5.32 -15.69 -11.78
C ILE C 314 4.81 -16.57 -10.65
N ARG C 315 5.55 -16.65 -9.56
CA ARG C 315 5.07 -17.43 -8.42
C ARG C 315 5.36 -16.59 -7.19
N LEU C 316 4.67 -16.79 -6.09
CA LEU C 316 5.00 -16.01 -4.90
C LEU C 316 6.27 -16.46 -4.26
N MET C 317 7.01 -15.53 -3.67
CA MET C 317 8.18 -15.96 -2.94
C MET C 317 7.68 -16.82 -1.80
N CYS C 318 8.34 -17.96 -1.53
CA CYS C 318 7.97 -18.95 -0.53
C CYS C 318 8.52 -18.61 0.86
N THR C 319 9.44 -17.67 0.94
CA THR C 319 10.14 -17.39 2.20
C THR C 319 9.27 -16.92 3.33
N ASP C 320 9.59 -17.39 4.54
CA ASP C 320 8.92 -17.01 5.77
C ASP C 320 9.04 -15.54 6.12
N THR C 321 10.05 -14.84 5.60
CA THR C 321 10.14 -13.42 5.92
C THR C 321 9.38 -12.74 4.84
N TYR C 322 8.32 -12.06 5.22
CA TYR C 322 7.48 -11.50 4.17
C TYR C 322 8.03 -10.16 3.84
N LEU C 323 8.08 -9.80 2.56
CA LEU C 323 8.69 -8.54 2.19
C LEU C 323 7.79 -7.33 1.89
N ASP C 324 6.47 -7.43 1.93
CA ASP C 324 5.70 -6.23 1.61
C ASP C 324 5.55 -5.39 2.90
N THR C 325 4.89 -4.23 2.86
CA THR C 325 4.77 -3.44 4.11
C THR C 325 3.74 -3.96 5.07
N PRO C 326 2.44 -4.06 4.78
CA PRO C 326 1.55 -4.66 5.71
C PRO C 326 2.02 -6.10 5.74
N ARG C 327 2.23 -6.65 6.93
CA ARG C 327 2.70 -8.01 6.99
C ARG C 327 2.15 -8.83 8.13
N PRO C 328 1.98 -10.14 7.93
CA PRO C 328 1.79 -11.13 8.94
C PRO C 328 3.13 -11.19 9.66
N ASN C 329 3.17 -11.69 10.88
CA ASN C 329 4.42 -11.71 11.60
C ASN C 329 5.41 -12.84 11.35
N ASP C 330 5.99 -12.86 10.14
CA ASP C 330 7.06 -13.78 9.70
C ASP C 330 6.87 -15.26 9.95
N GLY C 331 6.55 -15.98 8.91
CA GLY C 331 6.35 -17.42 8.98
C GLY C 331 4.95 -17.80 9.42
N SER C 332 4.08 -16.81 9.55
CA SER C 332 2.72 -17.02 9.99
C SER C 332 1.73 -17.40 8.89
N ILE C 333 2.12 -17.35 7.62
CA ILE C 333 1.17 -17.70 6.58
C ILE C 333 1.29 -19.20 6.36
N THR C 334 0.21 -19.90 6.59
CA THR C 334 0.18 -21.34 6.48
C THR C 334 -0.15 -21.80 5.07
N GLY C 335 0.09 -23.09 4.82
CA GLY C 335 -0.22 -23.66 3.53
C GLY C 335 1.04 -23.72 2.67
N PRO C 336 0.92 -24.10 1.41
CA PRO C 336 1.98 -24.27 0.43
C PRO C 336 2.50 -22.88 0.06
N CYS C 337 3.64 -22.79 -0.64
CA CYS C 337 4.32 -21.54 -1.03
C CYS C 337 3.39 -20.51 -1.70
N GLU C 338 2.48 -20.99 -2.53
CA GLU C 338 1.52 -20.16 -3.26
C GLU C 338 0.36 -19.63 -2.43
N SER C 339 0.21 -20.08 -1.19
CA SER C 339 -0.90 -19.66 -0.34
C SER C 339 -0.86 -18.17 -0.07
N ASP C 340 -1.99 -17.49 -0.26
CA ASP C 340 -2.09 -16.06 0.03
C ASP C 340 -2.26 -15.91 1.52
N GLY C 341 -1.71 -14.87 2.12
CA GLY C 341 -1.90 -14.72 3.55
C GLY C 341 -2.77 -13.56 3.97
N ASP C 342 -2.66 -13.20 5.23
CA ASP C 342 -3.43 -12.09 5.75
C ASP C 342 -2.66 -10.81 5.48
N LYS C 343 -3.23 -9.69 5.87
CA LYS C 343 -2.61 -8.38 5.71
C LYS C 343 -2.15 -8.18 4.28
N GLY C 344 -2.95 -8.59 3.30
CA GLY C 344 -2.53 -8.42 1.92
C GLY C 344 -3.03 -7.16 1.28
N SER C 345 -3.80 -6.37 2.00
CA SER C 345 -4.35 -5.17 1.41
C SER C 345 -3.40 -4.01 1.58
N GLY C 346 -2.90 -3.49 0.47
CA GLY C 346 -1.92 -2.43 0.51
C GLY C 346 -0.54 -2.97 0.20
N GLY C 347 0.47 -2.13 0.20
CA GLY C 347 1.76 -2.66 -0.21
C GLY C 347 2.80 -1.60 -0.48
N ILE C 348 4.01 -2.02 -0.83
CA ILE C 348 5.10 -1.10 -1.10
C ILE C 348 6.08 -1.67 -2.14
N LYS C 349 6.73 -0.82 -2.91
CA LYS C 349 7.76 -1.32 -3.80
C LYS C 349 9.04 -1.52 -2.99
N GLY C 350 9.61 -2.72 -3.04
CA GLY C 350 10.81 -2.98 -2.25
C GLY C 350 12.08 -3.00 -3.07
N GLY C 351 13.22 -3.11 -2.41
CA GLY C 351 14.49 -3.16 -3.08
C GLY C 351 14.77 -4.58 -3.44
N PHE C 352 15.58 -4.76 -4.46
CA PHE C 352 16.00 -6.06 -4.90
C PHE C 352 17.12 -5.99 -5.90
N VAL C 353 18.25 -6.54 -5.53
CA VAL C 353 19.39 -6.59 -6.43
C VAL C 353 20.01 -7.95 -6.42
N HIS C 354 20.74 -8.25 -7.47
CA HIS C 354 21.44 -9.50 -7.48
C HIS C 354 22.91 -9.28 -7.38
N GLN C 355 23.55 -10.19 -6.71
CA GLN C 355 24.98 -10.22 -6.66
C GLN C 355 25.39 -11.42 -7.49
N ARG C 356 25.96 -11.17 -8.64
CA ARG C 356 26.31 -12.24 -9.55
C ARG C 356 27.74 -12.67 -9.36
N MET C 357 27.93 -13.90 -8.89
CA MET C 357 29.24 -14.45 -8.61
C MET C 357 29.43 -15.62 -9.54
N LYS C 358 30.67 -16.00 -9.83
CA LYS C 358 30.86 -17.07 -10.80
C LYS C 358 30.08 -18.36 -10.51
N SER C 359 29.98 -18.75 -9.24
CA SER C 359 29.29 -19.97 -8.86
C SER C 359 28.05 -19.73 -8.02
N LYS C 360 27.56 -18.51 -7.96
CA LYS C 360 26.45 -18.22 -7.05
C LYS C 360 25.65 -16.97 -7.39
N ILE C 361 24.38 -16.95 -7.00
CA ILE C 361 23.62 -15.72 -7.12
C ILE C 361 23.15 -15.27 -5.76
N GLY C 362 23.54 -14.08 -5.36
CA GLY C 362 23.07 -13.57 -4.09
C GLY C 362 21.85 -12.73 -4.36
N ARG C 363 20.86 -12.82 -3.52
CA ARG C 363 19.69 -11.99 -3.71
C ARG C 363 19.47 -11.12 -2.51
N TRP C 364 19.63 -9.83 -2.72
CA TRP C 364 19.52 -8.86 -1.66
C TRP C 364 18.18 -8.21 -1.71
N TYR C 365 17.47 -8.17 -0.61
CA TYR C 365 16.13 -7.63 -0.55
C TYR C 365 15.99 -6.56 0.50
N SER C 366 15.10 -5.59 0.30
CA SER C 366 14.89 -4.65 1.39
C SER C 366 13.47 -4.75 1.92
N ARG C 367 13.30 -4.42 3.20
CA ARG C 367 12.00 -4.48 3.87
C ARG C 367 11.84 -3.37 4.91
N THR C 368 10.61 -2.94 5.23
CA THR C 368 10.44 -1.93 6.28
C THR C 368 10.64 -2.54 7.66
N MET C 369 10.84 -1.71 8.70
CA MET C 369 10.99 -2.24 10.04
C MET C 369 9.66 -2.54 10.65
N SER C 370 8.69 -1.69 10.36
CA SER C 370 7.35 -1.87 10.85
C SER C 370 6.57 -2.78 9.95
N LYS C 371 5.67 -3.56 10.55
CA LYS C 371 4.83 -4.52 9.83
C LYS C 371 3.56 -3.89 9.33
N THR C 372 3.35 -2.63 9.67
CA THR C 372 2.14 -1.97 9.21
C THR C 372 2.38 -0.60 8.61
N GLU C 373 3.39 0.10 9.10
CA GLU C 373 3.62 1.47 8.68
C GLU C 373 4.90 1.55 7.89
N ARG C 374 5.02 2.50 7.00
CA ARG C 374 6.22 2.57 6.20
C ARG C 374 7.39 3.26 6.87
N MET C 375 7.85 2.65 7.95
CA MET C 375 8.94 3.17 8.77
C MET C 375 10.11 2.21 8.83
N GLY C 376 11.29 2.79 8.70
CA GLY C 376 12.53 2.07 8.75
C GLY C 376 12.75 1.28 7.49
N MET C 377 13.95 0.76 7.33
CA MET C 377 14.31 -0.18 6.28
C MET C 377 15.40 -1.12 6.72
N GLY C 378 15.32 -2.38 6.35
CA GLY C 378 16.38 -3.31 6.65
C GLY C 378 16.77 -4.04 5.41
N LEU C 379 17.94 -4.62 5.46
CA LEU C 379 18.48 -5.35 4.36
C LEU C 379 18.58 -6.81 4.70
N TYR C 380 18.02 -7.64 3.85
CA TYR C 380 17.98 -9.09 4.00
C TYR C 380 18.65 -9.79 2.83
N VAL C 381 19.27 -10.94 3.06
CA VAL C 381 19.92 -11.65 1.96
C VAL C 381 19.78 -13.16 1.98
N LYS C 382 19.67 -13.72 0.81
CA LYS C 382 19.70 -15.16 0.64
C LYS C 382 20.62 -15.50 -0.49
N TYR C 383 21.50 -16.47 -0.28
CA TYR C 383 22.36 -16.88 -1.36
C TYR C 383 21.92 -18.20 -1.93
N GLY C 384 21.79 -18.22 -3.25
CA GLY C 384 21.38 -19.41 -3.95
C GLY C 384 19.92 -19.70 -3.66
N GLY C 385 19.55 -20.95 -3.82
CA GLY C 385 18.19 -21.38 -3.60
C GLY C 385 17.27 -21.01 -4.74
N ASP C 386 15.99 -21.07 -4.45
CA ASP C 386 14.93 -20.82 -5.39
C ASP C 386 13.81 -20.11 -4.66
N PRO C 387 13.64 -18.79 -4.81
CA PRO C 387 12.65 -17.98 -4.13
C PRO C 387 11.25 -18.53 -4.24
N TRP C 388 10.97 -19.30 -5.29
CA TRP C 388 9.63 -19.85 -5.48
C TRP C 388 9.33 -21.09 -4.67
N ALA C 389 10.35 -21.68 -4.07
CA ALA C 389 10.16 -22.93 -3.35
C ALA C 389 10.80 -22.96 -1.98
N ASP C 390 11.80 -22.12 -1.78
CA ASP C 390 12.59 -22.14 -0.57
C ASP C 390 11.99 -21.26 0.53
N SER C 391 11.43 -21.90 1.56
CA SER C 391 10.76 -21.23 2.67
C SER C 391 11.73 -20.59 3.67
N ASP C 392 13.00 -20.91 3.54
CA ASP C 392 14.01 -20.43 4.46
C ASP C 392 13.97 -18.91 4.59
N ALA C 393 14.01 -18.44 5.82
CA ALA C 393 13.98 -17.02 6.11
C ALA C 393 15.19 -16.33 5.53
N LEU C 394 15.03 -15.11 5.06
CA LEU C 394 16.18 -14.41 4.52
C LEU C 394 17.05 -14.02 5.70
N ALA C 395 18.37 -14.02 5.53
CA ALA C 395 19.26 -13.60 6.60
C ALA C 395 19.14 -12.12 6.78
N PHE C 396 19.26 -11.64 8.00
CA PHE C 396 19.21 -10.20 8.19
C PHE C 396 20.60 -9.62 8.17
N SER C 397 20.85 -8.72 7.24
CA SER C 397 22.15 -8.10 7.08
C SER C 397 22.26 -6.92 8.03
N GLY C 398 21.25 -6.05 8.02
CA GLY C 398 21.29 -4.91 8.92
C GLY C 398 20.23 -3.85 8.67
N VAL C 399 20.25 -2.81 9.50
CA VAL C 399 19.29 -1.72 9.40
C VAL C 399 19.83 -0.61 8.52
N MET C 400 19.07 -0.24 7.51
CA MET C 400 19.47 0.81 6.60
C MET C 400 18.87 2.12 7.04
N VAL C 401 17.65 2.09 7.52
CA VAL C 401 16.94 3.25 8.00
C VAL C 401 16.33 2.84 9.34
N PRO C 402 16.51 3.59 10.43
CA PRO C 402 16.02 3.24 11.74
C PRO C 402 14.52 3.37 11.78
N MET C 403 13.89 2.73 12.75
CA MET C 403 12.44 2.76 12.92
C MET C 403 11.85 4.16 13.04
N LYS C 404 12.63 5.10 13.50
CA LYS C 404 12.18 6.46 13.69
C LYS C 404 12.14 7.30 12.40
N GLU C 405 12.71 6.80 11.30
CA GLU C 405 12.75 7.53 10.05
C GLU C 405 11.91 6.81 9.00
N PRO C 406 11.32 7.52 8.03
CA PRO C 406 10.49 6.97 6.99
C PRO C 406 11.27 6.06 6.09
N GLY C 407 10.63 4.98 5.67
CA GLY C 407 11.23 3.99 4.78
C GLY C 407 10.71 4.11 3.37
N TRP C 408 9.41 4.02 3.23
CA TRP C 408 8.72 4.11 1.95
C TRP C 408 9.34 3.26 0.83
N TYR C 409 9.35 3.73 -0.41
CA TYR C 409 9.79 2.86 -1.51
C TYR C 409 11.26 2.64 -1.60
N SER C 410 11.65 1.47 -2.06
CA SER C 410 13.04 1.21 -2.31
C SER C 410 13.22 0.60 -3.68
N PHE C 411 14.44 0.61 -4.16
CA PHE C 411 14.74 0.09 -5.48
C PHE C 411 16.12 -0.46 -5.66
N GLY C 412 16.28 -1.37 -6.59
CA GLY C 412 17.60 -1.86 -6.91
C GLY C 412 18.17 -1.20 -8.14
N PHE C 413 19.48 -1.07 -8.20
CA PHE C 413 20.16 -0.57 -9.38
C PHE C 413 21.58 -1.06 -9.36
N GLU C 414 22.31 -0.91 -10.45
CA GLU C 414 23.70 -1.33 -10.41
C GLU C 414 24.59 -0.27 -10.99
N ILE C 415 25.74 -0.07 -10.38
CA ILE C 415 26.71 0.90 -10.87
C ILE C 415 27.76 0.19 -11.70
N LYS C 416 28.09 0.73 -12.86
CA LYS C 416 29.05 0.08 -13.73
C LYS C 416 30.51 0.44 -13.38
N ASP C 417 31.17 -0.41 -12.59
CA ASP C 417 32.51 -0.11 -12.11
C ASP C 417 33.59 -0.58 -13.05
N LYS C 418 33.70 0.06 -14.20
CA LYS C 418 34.72 -0.27 -15.20
C LYS C 418 34.69 -1.71 -15.71
N LYS C 419 35.10 -2.66 -14.86
CA LYS C 419 35.18 -4.09 -15.16
C LYS C 419 34.11 -5.01 -14.53
N CYS C 420 33.35 -4.54 -13.50
CA CYS C 420 32.34 -5.30 -12.77
C CYS C 420 31.18 -4.40 -12.35
N ASP C 421 30.07 -5.03 -11.96
CA ASP C 421 28.90 -4.25 -11.54
C ASP C 421 28.73 -4.17 -10.03
N VAL C 422 28.28 -3.05 -9.51
CA VAL C 422 28.06 -2.93 -8.07
C VAL C 422 26.59 -2.85 -7.74
N PRO C 423 25.98 -3.87 -7.13
CA PRO C 423 24.58 -3.84 -6.80
C PRO C 423 24.38 -2.83 -5.69
N CYS C 424 23.32 -2.00 -5.80
CA CYS C 424 22.94 -0.96 -4.84
C CYS C 424 21.43 -0.97 -4.60
N ILE C 425 21.02 -0.65 -3.39
CA ILE C 425 19.62 -0.47 -3.06
C ILE C 425 19.36 0.94 -2.56
N GLY C 426 18.44 1.62 -3.20
CA GLY C 426 18.11 2.95 -2.78
C GLY C 426 16.82 2.98 -2.00
N ILE C 427 16.68 3.96 -1.11
CA ILE C 427 15.50 4.14 -0.29
C ILE C 427 14.92 5.54 -0.42
N GLU C 428 13.62 5.63 -0.64
CA GLU C 428 12.88 6.88 -0.75
C GLU C 428 12.40 7.35 0.60
N MET C 429 13.03 8.32 1.18
CA MET C 429 12.62 8.74 2.50
C MET C 429 11.68 9.91 2.35
N VAL C 430 10.40 9.68 2.53
CA VAL C 430 9.42 10.72 2.33
C VAL C 430 9.29 11.58 3.56
N HIS C 431 9.40 12.87 3.39
CA HIS C 431 9.33 13.82 4.49
C HIS C 431 8.18 14.79 4.24
N ASP C 432 7.63 15.39 5.32
CA ASP C 432 6.50 16.32 5.28
C ASP C 432 6.86 17.56 6.10
N HIS C 439 4.87 16.27 0.21
CA HIS C 439 5.54 15.01 0.50
C HIS C 439 6.70 14.74 -0.49
N SER C 440 7.80 15.50 -0.35
CA SER C 440 9.02 15.31 -1.16
C SER C 440 9.82 14.15 -0.59
N ALA C 441 10.73 13.62 -1.36
CA ALA C 441 11.55 12.56 -0.84
C ALA C 441 13.03 12.73 -1.03
N ALA C 442 13.74 12.24 -0.02
CA ALA C 442 15.20 12.17 -0.02
C ALA C 442 15.59 10.78 -0.50
N THR C 443 16.72 10.64 -1.14
CA THR C 443 17.10 9.31 -1.56
C THR C 443 18.36 8.82 -0.87
N ALA C 444 18.25 7.70 -0.17
CA ALA C 444 19.40 7.13 0.53
C ALA C 444 19.93 5.98 -0.28
N ILE C 445 21.21 5.96 -0.56
CA ILE C 445 21.78 4.87 -1.33
C ILE C 445 22.68 4.02 -0.48
N TYR C 446 22.44 2.72 -0.48
CA TYR C 446 23.29 1.72 0.16
C TYR C 446 23.85 0.83 -0.94
N CYS C 447 25.17 0.61 -0.98
CA CYS C 447 25.83 -0.19 -2.03
C CYS C 447 26.64 -1.30 -1.47
N LEU C 448 26.74 -2.37 -2.25
CA LEU C 448 27.58 -3.45 -1.84
C LEU C 448 28.97 -2.90 -1.83
N MET C 449 29.70 -3.08 -0.77
CA MET C 449 31.08 -2.63 -0.75
C MET C 449 31.80 -3.19 0.45
N GLY C 450 32.89 -3.85 0.22
CA GLY C 450 33.63 -4.42 1.32
C GLY C 450 32.95 -5.63 1.93
N SER C 451 33.34 -5.93 3.16
CA SER C 451 32.90 -7.09 3.90
C SER C 451 32.61 -6.68 5.34
N GLY C 452 32.24 -7.63 6.18
CA GLY C 452 31.88 -7.31 7.54
C GLY C 452 30.39 -7.02 7.60
N GLN C 453 29.96 -6.30 8.61
CA GLN C 453 28.54 -6.03 8.80
C GLN C 453 28.16 -4.67 8.29
N LEU C 454 26.86 -4.46 8.01
CA LEU C 454 26.37 -3.12 7.70
C LEU C 454 26.57 -2.39 9.01
N LEU C 455 27.28 -1.28 8.99
CA LEU C 455 27.57 -0.68 10.28
C LEU C 455 26.68 0.46 10.74
N TRP C 456 26.04 1.20 9.83
CA TRP C 456 25.18 2.28 10.32
C TRP C 456 24.04 2.54 9.37
N ASP C 457 23.01 3.15 9.92
CA ASP C 457 21.81 3.51 9.21
C ASP C 457 21.76 4.99 8.76
N THR C 458 20.66 5.37 8.07
CA THR C 458 20.34 6.71 7.58
C THR C 458 19.04 7.16 8.25
#